data_4ZKA
#
_entry.id   4ZKA
#
_cell.length_a   68.980
_cell.length_b   77.617
_cell.length_c   106.386
_cell.angle_alpha   90.00
_cell.angle_beta   93.99
_cell.angle_gamma   90.00
#
_symmetry.space_group_name_H-M   'C 1 2 1'
#
loop_
_entity.id
_entity.type
_entity.pdbx_description
1 polymer 'RNA binding protein fox-1 homolog 1'
2 non-polymer 'SULFATE ION'
3 non-polymer '2-(N-MORPHOLINO)-ETHANESULFONIC ACID'
4 non-polymer 'TETRAETHYLENE GLYCOL'
5 water water
#
_entity_poly.entity_id   1
_entity_poly.type   'polypeptide(L)'
_entity_poly.pdbx_seq_one_letter_code
;NTENKSQPKRLHVSNIPFRFRDPDLRQMFGQFGKILDVEIIFNERGSKGFGFVTFENSADADRAREKLHGTVVEGRKIEV
NNATARVMTNKKTVNPYTNG
;
_entity_poly.pdbx_strand_id   A,B,C,D,E,F
#
# COMPACT_ATOMS: atom_id res chain seq x y z
N GLU A 3 -2.04 9.20 -26.20
CA GLU A 3 -0.76 9.77 -26.62
C GLU A 3 0.23 8.66 -26.99
N ASN A 4 1.31 9.05 -27.65
CA ASN A 4 2.40 8.14 -28.01
C ASN A 4 3.43 8.09 -26.88
N LYS A 5 3.43 6.99 -26.12
CA LYS A 5 4.20 6.93 -24.87
C LYS A 5 5.71 6.83 -25.05
N SER A 6 6.17 6.62 -26.29
CA SER A 6 7.59 6.59 -26.56
C SER A 6 8.18 8.01 -26.67
N GLN A 7 7.34 8.98 -26.97
CA GLN A 7 7.78 10.37 -27.13
C GLN A 7 8.28 10.96 -25.81
N PRO A 8 9.24 11.89 -25.89
CA PRO A 8 9.72 12.53 -24.65
C PRO A 8 8.63 13.35 -24.01
N LYS A 9 8.81 13.71 -22.74
CA LYS A 9 7.80 14.50 -22.06
C LYS A 9 8.43 15.40 -20.99
N ARG A 10 7.98 16.65 -20.97
CA ARG A 10 8.50 17.64 -20.01
C ARG A 10 7.52 17.80 -18.87
N LEU A 11 8.03 17.69 -17.65
CA LEU A 11 7.23 17.93 -16.47
C LEU A 11 7.58 19.29 -15.84
N HIS A 12 6.57 19.95 -15.31
CA HIS A 12 6.75 21.17 -14.53
C HIS A 12 6.74 20.77 -13.06
N VAL A 13 7.84 21.06 -12.36
CA VAL A 13 7.98 20.68 -10.97
C VAL A 13 8.04 21.95 -10.14
N SER A 14 7.11 22.13 -9.22
CA SER A 14 7.05 23.37 -8.48
C SER A 14 6.97 23.17 -6.98
N ASN A 15 7.16 24.27 -6.27
CA ASN A 15 7.32 24.28 -4.82
C ASN A 15 8.45 23.36 -4.37
N ILE A 16 9.56 23.39 -5.10
CA ILE A 16 10.74 22.63 -4.73
C ILE A 16 11.60 23.50 -3.82
N PRO A 17 12.43 22.88 -2.97
CA PRO A 17 13.28 23.67 -2.07
C PRO A 17 14.09 24.70 -2.86
N PHE A 18 14.21 25.92 -2.33
CA PHE A 18 14.96 26.97 -2.99
C PHE A 18 16.40 26.59 -3.16
N ARG A 19 16.89 25.69 -2.30
CA ARG A 19 18.29 25.27 -2.38
C ARG A 19 18.56 24.32 -3.56
N PHE A 20 17.51 23.69 -4.11
CA PHE A 20 17.70 22.73 -5.20
C PHE A 20 18.42 23.33 -6.41
N ARG A 21 19.31 22.52 -6.99
CA ARG A 21 19.95 22.81 -8.26
C ARG A 21 19.75 21.62 -9.19
N ASP A 22 20.28 21.72 -10.41
CA ASP A 22 20.15 20.64 -11.40
C ASP A 22 20.32 19.23 -10.84
N PRO A 23 21.46 18.94 -10.19
CA PRO A 23 21.67 17.57 -9.76
C PRO A 23 20.63 17.08 -8.76
N ASP A 24 20.00 18.00 -8.04
CA ASP A 24 19.01 17.59 -7.06
C ASP A 24 17.75 17.08 -7.76
N LEU A 25 17.30 17.76 -8.81
CA LEU A 25 16.17 17.26 -9.57
C LEU A 25 16.51 16.00 -10.32
N ARG A 26 17.71 15.98 -10.90
CA ARG A 26 18.14 14.84 -11.68
C ARG A 26 18.12 13.59 -10.80
N GLN A 27 18.66 13.73 -9.59
CA GLN A 27 18.68 12.62 -8.64
C GLN A 27 17.27 12.17 -8.31
N MET A 28 16.39 13.11 -8.01
CA MET A 28 15.04 12.76 -7.58
C MET A 28 14.21 12.13 -8.69
N PHE A 29 14.39 12.59 -9.91
CA PHE A 29 13.59 12.09 -11.03
C PHE A 29 14.29 10.98 -11.81
N GLY A 30 15.61 10.91 -11.68
CA GLY A 30 16.42 9.96 -12.44
C GLY A 30 16.06 8.50 -12.19
N GLN A 31 15.50 8.23 -11.02
CA GLN A 31 15.05 6.89 -10.64
C GLN A 31 14.02 6.34 -11.61
N PHE A 32 13.31 7.23 -12.31
CA PHE A 32 12.18 6.80 -13.12
C PHE A 32 12.55 6.56 -14.58
N GLY A 33 13.75 6.95 -14.97
CA GLY A 33 14.21 6.72 -16.31
C GLY A 33 15.15 7.79 -16.82
N LYS A 34 15.54 7.67 -18.09
CA LYS A 34 16.49 8.57 -18.71
C LYS A 34 15.92 9.98 -18.84
N ILE A 35 16.69 10.96 -18.39
CA ILE A 35 16.35 12.36 -18.43
C ILE A 35 17.16 13.08 -19.53
N LEU A 36 16.46 13.76 -20.43
CA LEU A 36 17.10 14.54 -21.48
C LEU A 36 17.53 15.92 -21.03
N ASP A 37 16.77 16.51 -20.12
CA ASP A 37 17.09 17.86 -19.68
C ASP A 37 16.51 18.18 -18.31
N VAL A 38 17.20 19.02 -17.58
CA VAL A 38 16.69 19.52 -16.31
C VAL A 38 16.91 21.01 -16.29
N GLU A 39 15.92 21.76 -15.81
CA GLU A 39 16.02 23.19 -15.80
C GLU A 39 15.38 23.71 -14.51
N ILE A 40 16.14 24.45 -13.72
CA ILE A 40 15.57 25.19 -12.59
C ILE A 40 15.58 26.66 -12.99
N ILE A 41 14.49 27.35 -12.68
CA ILE A 41 14.33 28.75 -13.06
C ILE A 41 14.73 29.67 -11.91
N PHE A 42 15.46 30.73 -12.23
CA PHE A 42 15.95 31.72 -11.26
C PHE A 42 15.56 33.13 -11.68
N ASN A 43 15.58 34.03 -10.73
CA ASN A 43 15.65 35.44 -11.08
C ASN A 43 16.83 36.02 -10.29
N GLU A 44 16.93 37.33 -10.19
CA GLU A 44 18.11 37.90 -9.54
C GLU A 44 18.09 37.71 -8.01
N ARG A 45 16.95 37.28 -7.46
CA ARG A 45 16.85 36.90 -6.04
C ARG A 45 17.14 35.40 -5.82
N GLY A 46 17.58 34.72 -6.87
CA GLY A 46 17.94 33.32 -6.79
C GLY A 46 16.85 32.42 -7.36
N SER A 47 16.83 31.16 -6.90
CA SER A 47 15.85 30.21 -7.38
C SER A 47 14.44 30.69 -7.16
N LYS A 48 13.59 30.43 -8.15
CA LYS A 48 12.18 30.72 -8.02
C LYS A 48 11.41 29.50 -7.51
N GLY A 49 12.12 28.42 -7.19
CA GLY A 49 11.49 27.27 -6.57
C GLY A 49 10.64 26.42 -7.52
N PHE A 50 11.00 26.44 -8.80
CA PHE A 50 10.37 25.53 -9.74
C PHE A 50 11.29 25.28 -10.90
N GLY A 51 11.01 24.21 -11.64
CA GLY A 51 11.85 23.85 -12.76
C GLY A 51 11.15 22.86 -13.66
N PHE A 52 11.89 22.37 -14.63
CA PHE A 52 11.34 21.46 -15.61
C PHE A 52 12.25 20.26 -15.71
N VAL A 53 11.65 19.08 -15.81
CA VAL A 53 12.39 17.87 -16.01
C VAL A 53 11.85 17.21 -17.27
N THR A 54 12.73 16.95 -18.21
CA THR A 54 12.32 16.33 -19.48
C THR A 54 12.80 14.89 -19.56
N PHE A 55 11.85 13.96 -19.66
CA PHE A 55 12.15 12.54 -19.84
C PHE A 55 12.23 12.11 -21.30
N GLU A 56 13.08 11.12 -21.56
CA GLU A 56 13.21 10.58 -22.90
C GLU A 56 11.93 9.87 -23.35
N ASN A 57 11.18 9.27 -22.43
CA ASN A 57 9.84 8.77 -22.79
C ASN A 57 8.73 9.10 -21.79
N SER A 58 7.52 9.17 -22.31
CA SER A 58 6.37 9.65 -21.53
C SER A 58 5.92 8.67 -20.46
N ALA A 59 6.19 7.39 -20.66
CA ALA A 59 5.76 6.39 -19.70
C ALA A 59 6.53 6.57 -18.40
N ASP A 60 7.83 6.80 -18.53
CA ASP A 60 8.66 7.13 -17.38
C ASP A 60 8.20 8.43 -16.72
N ALA A 61 7.94 9.46 -17.51
CA ALA A 61 7.46 10.74 -16.97
C ALA A 61 6.17 10.54 -16.19
N ASP A 62 5.25 9.76 -16.77
CA ASP A 62 3.95 9.55 -16.13
C ASP A 62 4.11 8.83 -14.79
N ARG A 63 5.09 7.94 -14.70
CA ARG A 63 5.34 7.22 -13.45
C ARG A 63 5.93 8.18 -12.41
N ALA A 64 6.86 9.02 -12.86
CA ALA A 64 7.47 9.98 -11.96
C ALA A 64 6.43 10.94 -11.41
N ARG A 65 5.52 11.39 -12.27
CA ARG A 65 4.49 12.31 -11.86
C ARG A 65 3.55 11.64 -10.84
N GLU A 66 3.15 10.41 -11.14
CA GLU A 66 2.22 9.67 -10.28
C GLU A 66 2.83 9.45 -8.91
N LYS A 67 4.13 9.21 -8.86
CA LYS A 67 4.80 8.91 -7.60
C LYS A 67 5.22 10.15 -6.83
N LEU A 68 5.61 11.20 -7.53
CA LEU A 68 6.16 12.38 -6.87
C LEU A 68 5.21 13.57 -6.68
N HIS A 69 4.13 13.65 -7.45
CA HIS A 69 3.23 14.78 -7.28
C HIS A 69 2.68 14.73 -5.85
N GLY A 70 2.71 15.87 -5.17
CA GLY A 70 2.12 15.98 -3.84
C GLY A 70 2.98 15.44 -2.71
N THR A 71 4.17 14.96 -3.05
N THR A 71 4.18 15.01 -3.05
CA THR A 71 5.08 14.46 -2.02
CA THR A 71 5.11 14.46 -2.05
C THR A 71 5.72 15.61 -1.26
C THR A 71 5.83 15.58 -1.29
N VAL A 72 5.95 15.39 0.03
CA VAL A 72 6.61 16.36 0.88
C VAL A 72 8.13 16.11 0.91
N VAL A 73 8.88 17.09 0.43
CA VAL A 73 10.33 17.04 0.37
C VAL A 73 10.87 18.26 1.14
N GLU A 74 11.66 18.01 2.17
CA GLU A 74 12.25 19.09 2.97
C GLU A 74 11.24 20.18 3.34
N GLY A 75 10.07 19.79 3.79
CA GLY A 75 9.10 20.72 4.32
C GLY A 75 8.09 21.27 3.32
N ARG A 76 8.25 20.88 2.06
CA ARG A 76 7.39 21.39 0.97
C ARG A 76 6.65 20.28 0.24
N LYS A 77 5.35 20.49 0.03
CA LYS A 77 4.58 19.63 -0.85
C LYS A 77 4.85 20.04 -2.28
N ILE A 78 5.56 19.19 -3.02
CA ILE A 78 5.91 19.54 -4.38
C ILE A 78 4.76 19.20 -5.31
N GLU A 79 4.70 19.90 -6.44
CA GLU A 79 3.67 19.61 -7.43
C GLU A 79 4.38 19.25 -8.71
N VAL A 80 3.88 18.23 -9.40
CA VAL A 80 4.47 17.74 -10.62
C VAL A 80 3.32 17.62 -11.61
N ASN A 81 3.42 18.38 -12.68
CA ASN A 81 2.38 18.44 -13.70
C ASN A 81 3.03 18.39 -15.07
N ASN A 82 2.27 18.02 -16.08
CA ASN A 82 2.78 18.15 -17.45
C ASN A 82 3.01 19.62 -17.76
N ALA A 83 4.14 19.96 -18.38
CA ALA A 83 4.44 21.35 -18.64
C ALA A 83 3.57 21.87 -19.78
N THR A 84 3.28 23.17 -19.72
CA THR A 84 2.55 23.86 -20.79
C THR A 84 3.27 25.16 -21.15
N ALA A 85 2.74 25.88 -22.14
CA ALA A 85 3.36 27.09 -22.63
C ALA A 85 3.39 28.18 -21.55
N GLU B 3 -29.20 29.11 17.63
CA GLU B 3 -29.60 27.77 18.06
C GLU B 3 -29.07 26.71 17.10
N ASN B 4 -29.93 26.20 16.22
CA ASN B 4 -29.55 25.18 15.25
C ASN B 4 -28.29 25.57 14.51
N LYS B 5 -28.31 26.75 13.89
CA LYS B 5 -27.26 27.17 12.96
C LYS B 5 -25.93 27.52 13.63
N SER B 6 -25.97 27.80 14.93
CA SER B 6 -24.75 28.13 15.65
C SER B 6 -24.00 26.87 16.12
N GLN B 7 -24.66 25.72 16.10
CA GLN B 7 -23.99 24.49 16.50
C GLN B 7 -22.92 24.11 15.49
N PRO B 8 -21.89 23.37 15.93
CA PRO B 8 -20.85 22.94 14.99
C PRO B 8 -21.40 21.91 14.01
N LYS B 9 -20.68 21.66 12.92
CA LYS B 9 -21.13 20.67 11.96
C LYS B 9 -19.95 20.00 11.30
N ARG B 10 -20.04 18.68 11.15
CA ARG B 10 -19.02 17.89 10.48
C ARG B 10 -19.46 17.54 9.07
N LEU B 11 -18.58 17.80 8.11
CA LEU B 11 -18.80 17.43 6.72
C LEU B 11 -17.92 16.25 6.37
N HIS B 12 -18.46 15.39 5.51
CA HIS B 12 -17.75 14.27 4.92
C HIS B 12 -17.30 14.72 3.54
N VAL B 13 -16.01 14.66 3.28
CA VAL B 13 -15.46 15.09 2.00
C VAL B 13 -14.79 13.87 1.34
N SER B 14 -15.29 13.49 0.18
CA SER B 14 -14.76 12.28 -0.45
C SER B 14 -14.29 12.53 -1.87
N ASN B 15 -13.53 11.56 -2.38
CA ASN B 15 -12.88 11.64 -3.68
C ASN B 15 -11.83 12.72 -3.74
N ILE B 16 -11.15 12.95 -2.62
CA ILE B 16 -10.07 13.92 -2.60
C ILE B 16 -8.77 13.23 -3.04
N PRO B 17 -7.81 14.04 -3.49
CA PRO B 17 -6.52 13.48 -3.91
C PRO B 17 -5.85 12.67 -2.81
N PHE B 18 -5.17 11.61 -3.20
CA PHE B 18 -4.59 10.73 -2.20
C PHE B 18 -3.45 11.41 -1.46
N ARG B 19 -2.90 12.47 -2.05
CA ARG B 19 -1.84 13.22 -1.38
C ARG B 19 -2.35 14.43 -0.59
N PHE B 20 -3.66 14.66 -0.58
CA PHE B 20 -4.22 15.69 0.28
C PHE B 20 -3.94 15.37 1.72
N ARG B 21 -3.58 16.40 2.47
CA ARG B 21 -3.32 16.25 3.91
C ARG B 21 -4.03 17.38 4.66
N ASP B 22 -3.86 17.43 5.98
CA ASP B 22 -4.54 18.42 6.81
C ASP B 22 -4.50 19.83 6.22
N PRO B 23 -3.29 20.36 5.92
CA PRO B 23 -3.21 21.72 5.39
C PRO B 23 -4.05 21.94 4.13
N ASP B 24 -4.14 20.94 3.27
CA ASP B 24 -4.89 21.08 2.04
C ASP B 24 -6.38 21.27 2.30
N LEU B 25 -6.91 20.53 3.26
CA LEU B 25 -8.32 20.66 3.56
C LEU B 25 -8.57 21.94 4.34
N ARG B 26 -7.68 22.26 5.26
CA ARG B 26 -7.85 23.48 6.06
C ARG B 26 -7.88 24.71 5.17
N GLN B 27 -7.01 24.72 4.16
CA GLN B 27 -6.94 25.84 3.23
C GLN B 27 -8.19 25.95 2.38
N MET B 28 -8.63 24.82 1.85
CA MET B 28 -9.81 24.77 1.00
C MET B 28 -11.09 25.13 1.75
N PHE B 29 -11.26 24.56 2.93
CA PHE B 29 -12.52 24.71 3.65
C PHE B 29 -12.49 25.91 4.59
N GLY B 30 -11.30 26.25 5.08
CA GLY B 30 -11.13 27.32 6.05
C GLY B 30 -11.56 28.66 5.50
N GLN B 31 -11.66 28.73 4.18
CA GLN B 31 -12.14 29.92 3.48
C GLN B 31 -13.57 30.30 3.88
N PHE B 32 -14.33 29.32 4.37
CA PHE B 32 -15.74 29.56 4.66
C PHE B 32 -16.03 29.80 6.14
N GLY B 33 -15.00 29.70 6.97
CA GLY B 33 -15.19 29.96 8.39
C GLY B 33 -14.27 29.14 9.27
N LYS B 34 -14.45 29.29 10.57
CA LYS B 34 -13.56 28.68 11.53
C LYS B 34 -13.75 27.17 11.58
N ILE B 35 -12.63 26.46 11.46
CA ILE B 35 -12.60 25.01 11.49
C ILE B 35 -12.14 24.52 12.85
N LEU B 36 -12.89 23.60 13.43
CA LEU B 36 -12.56 23.00 14.71
C LEU B 36 -11.64 21.79 14.59
N ASP B 37 -11.76 21.07 13.48
CA ASP B 37 -10.99 19.86 13.28
C ASP B 37 -11.02 19.43 11.82
N VAL B 38 -9.95 18.73 11.42
CA VAL B 38 -9.85 18.16 10.10
C VAL B 38 -9.28 16.76 10.29
N GLU B 39 -9.85 15.79 9.60
CA GLU B 39 -9.40 14.43 9.73
C GLU B 39 -9.37 13.83 8.33
N ILE B 40 -8.26 13.20 7.98
CA ILE B 40 -8.21 12.43 6.73
C ILE B 40 -7.98 10.99 7.13
N ILE B 41 -8.65 10.06 6.44
CA ILE B 41 -8.62 8.66 6.86
C ILE B 41 -7.62 7.88 6.00
N PHE B 42 -6.84 7.02 6.69
CA PHE B 42 -5.73 6.25 6.10
C PHE B 42 -5.84 4.79 6.50
N ASN B 43 -5.28 3.91 5.68
CA ASN B 43 -4.95 2.57 6.16
C ASN B 43 -3.44 2.48 6.04
N GLU B 44 -2.87 1.29 6.20
CA GLU B 44 -1.41 1.18 6.16
C GLU B 44 -0.85 1.32 4.75
N ARG B 45 -1.72 1.30 3.75
CA ARG B 45 -1.28 1.48 2.38
C ARG B 45 -1.23 2.95 1.99
N GLY B 46 -1.94 3.79 2.74
CA GLY B 46 -1.95 5.22 2.48
C GLY B 46 -3.32 5.84 2.69
N SER B 47 -3.49 7.06 2.19
CA SER B 47 -4.76 7.75 2.30
C SER B 47 -5.88 6.95 1.68
N LYS B 48 -7.06 7.00 2.28
CA LYS B 48 -8.23 6.40 1.68
C LYS B 48 -8.98 7.37 0.76
N GLY B 49 -8.51 8.61 0.65
CA GLY B 49 -9.09 9.57 -0.26
C GLY B 49 -10.43 10.13 0.22
N PHE B 50 -10.59 10.21 1.53
CA PHE B 50 -11.74 10.88 2.12
C PHE B 50 -11.39 11.34 3.51
N GLY B 51 -12.17 12.29 4.01
CA GLY B 51 -11.87 12.86 5.29
C GLY B 51 -13.07 13.62 5.80
N PHE B 52 -12.87 14.30 6.92
CA PHE B 52 -13.96 15.02 7.56
C PHE B 52 -13.47 16.39 7.98
N VAL B 53 -14.31 17.39 7.83
CA VAL B 53 -13.99 18.74 8.25
C VAL B 53 -15.11 19.21 9.16
N THR B 54 -14.75 19.65 10.35
CA THR B 54 -15.73 20.12 11.32
C THR B 54 -15.62 21.63 11.47
N PHE B 55 -16.72 22.32 11.20
CA PHE B 55 -16.80 23.76 11.34
C PHE B 55 -17.34 24.17 12.72
N GLU B 56 -16.89 25.33 13.20
CA GLU B 56 -17.41 25.88 14.46
C GLU B 56 -18.91 26.15 14.40
N ASN B 57 -19.42 26.59 13.26
CA ASN B 57 -20.87 26.72 13.12
C ASN B 57 -21.41 26.14 11.81
N SER B 58 -22.69 25.84 11.83
CA SER B 58 -23.33 25.10 10.78
C SER B 58 -23.59 25.98 9.57
N ALA B 59 -23.80 27.28 9.78
CA ALA B 59 -23.96 28.21 8.66
C ALA B 59 -22.74 28.15 7.71
N ASP B 60 -21.55 28.12 8.29
CA ASP B 60 -20.32 28.08 7.53
C ASP B 60 -20.14 26.74 6.84
N ALA B 61 -20.49 25.65 7.52
CA ALA B 61 -20.46 24.32 6.93
C ALA B 61 -21.41 24.23 5.74
N ASP B 62 -22.63 24.78 5.90
CA ASP B 62 -23.59 24.80 4.80
C ASP B 62 -23.05 25.56 3.59
N ARG B 63 -22.31 26.63 3.84
CA ARG B 63 -21.75 27.43 2.75
C ARG B 63 -20.65 26.66 2.02
N ALA B 64 -19.76 26.03 2.78
CA ALA B 64 -18.72 25.18 2.21
C ALA B 64 -19.30 24.10 1.32
N ARG B 65 -20.34 23.42 1.81
CA ARG B 65 -20.98 22.39 1.03
C ARG B 65 -21.59 22.95 -0.27
N GLU B 66 -22.26 24.08 -0.16
CA GLU B 66 -22.86 24.74 -1.32
C GLU B 66 -21.83 25.04 -2.40
N LYS B 67 -20.70 25.60 -1.99
CA LYS B 67 -19.72 26.08 -2.93
C LYS B 67 -18.77 24.99 -3.42
N LEU B 68 -18.56 23.96 -2.59
CA LEU B 68 -17.53 22.98 -2.90
C LEU B 68 -18.00 21.62 -3.41
N HIS B 69 -19.25 21.24 -3.13
CA HIS B 69 -19.72 19.93 -3.58
C HIS B 69 -19.68 19.86 -5.12
N GLY B 70 -19.01 18.84 -5.65
CA GLY B 70 -18.93 18.64 -7.08
C GLY B 70 -17.93 19.53 -7.80
N THR B 71 -17.08 20.23 -7.07
CA THR B 71 -16.04 21.02 -7.72
C THR B 71 -14.85 20.13 -8.04
N VAL B 72 -14.02 20.59 -8.98
CA VAL B 72 -12.90 19.79 -9.46
C VAL B 72 -11.63 20.12 -8.69
N VAL B 73 -10.98 19.09 -8.18
CA VAL B 73 -9.75 19.21 -7.41
C VAL B 73 -8.80 18.18 -7.96
N GLU B 74 -7.72 18.64 -8.60
CA GLU B 74 -6.78 17.73 -9.25
C GLU B 74 -7.47 16.66 -10.08
N GLY B 75 -8.35 17.09 -10.98
CA GLY B 75 -8.99 16.18 -11.92
C GLY B 75 -10.07 15.30 -11.34
N ARG B 76 -10.38 15.51 -10.06
CA ARG B 76 -11.39 14.70 -9.38
C ARG B 76 -12.56 15.57 -8.96
N LYS B 77 -13.77 15.12 -9.22
CA LYS B 77 -14.95 15.79 -8.71
C LYS B 77 -15.10 15.35 -7.25
N ILE B 78 -15.00 16.30 -6.32
CA ILE B 78 -15.15 15.94 -4.92
C ILE B 78 -16.61 15.94 -4.53
N GLU B 79 -16.90 15.27 -3.43
CA GLU B 79 -18.22 15.23 -2.89
C GLU B 79 -18.11 15.76 -1.46
N VAL B 80 -19.00 16.67 -1.12
CA VAL B 80 -19.10 17.20 0.23
C VAL B 80 -20.52 17.04 0.75
N ASN B 81 -20.68 16.28 1.84
CA ASN B 81 -21.99 16.01 2.42
C ASN B 81 -21.94 16.13 3.94
N ASN B 82 -23.08 16.34 4.57
CA ASN B 82 -23.12 16.30 6.02
C ASN B 82 -22.68 14.91 6.46
N ALA B 83 -21.81 14.82 7.46
CA ALA B 83 -21.30 13.53 7.87
C ALA B 83 -22.38 12.75 8.63
N THR B 84 -22.44 11.45 8.36
CA THR B 84 -23.34 10.56 9.10
C THR B 84 -22.55 9.46 9.81
N ALA B 85 -23.23 8.72 10.68
CA ALA B 85 -22.60 7.61 11.40
C ALA B 85 -21.25 8.02 11.98
N GLN C 7 28.08 -4.54 18.57
CA GLN C 7 28.18 -4.30 17.13
C GLN C 7 26.90 -3.72 16.52
N PRO C 8 25.83 -3.56 17.31
CA PRO C 8 24.58 -3.12 16.65
C PRO C 8 24.80 -1.79 15.95
N LYS C 9 23.87 -1.38 15.07
CA LYS C 9 24.01 -0.11 14.40
C LYS C 9 22.69 0.64 14.35
N ARG C 10 22.79 1.95 14.58
CA ARG C 10 21.62 2.80 14.73
C ARG C 10 21.50 3.77 13.57
N LEU C 11 20.32 3.80 12.96
CA LEU C 11 20.04 4.74 11.90
C LEU C 11 19.13 5.87 12.38
N HIS C 12 19.34 7.06 11.81
CA HIS C 12 18.44 8.20 11.99
C HIS C 12 17.52 8.33 10.77
N VAL C 13 16.21 8.32 11.01
CA VAL C 13 15.23 8.39 9.93
C VAL C 13 14.41 9.68 10.09
N SER C 14 14.27 10.44 9.01
CA SER C 14 13.58 11.73 9.12
C SER C 14 12.55 11.94 8.02
N ASN C 15 11.70 12.94 8.25
CA ASN C 15 10.56 13.25 7.41
C ASN C 15 9.53 12.12 7.35
N ILE C 16 9.42 11.35 8.44
CA ILE C 16 8.43 10.29 8.49
C ILE C 16 7.07 10.85 8.80
N PRO C 17 6.01 10.10 8.43
CA PRO C 17 4.62 10.51 8.70
C PRO C 17 4.41 10.78 10.19
N PHE C 18 3.63 11.83 10.47
N PHE C 18 3.62 11.79 10.51
N PHE C 18 3.62 11.79 10.50
CA PHE C 18 3.28 12.28 11.83
CA PHE C 18 3.43 12.17 11.89
CA PHE C 18 3.42 12.21 11.89
C PHE C 18 2.66 11.17 12.66
C PHE C 18 2.64 11.15 12.70
C PHE C 18 2.61 11.19 12.68
N ARG C 19 1.92 10.28 12.00
CA ARG C 19 1.22 9.21 12.69
C ARG C 19 2.14 8.05 13.09
N PHE C 20 3.32 7.96 12.49
CA PHE C 20 4.19 6.81 12.72
C PHE C 20 4.57 6.69 14.19
N ARG C 21 4.53 5.45 14.66
CA ARG C 21 4.94 5.09 15.99
C ARG C 21 5.90 3.90 15.87
N ASP C 22 6.32 3.37 17.02
CA ASP C 22 7.23 2.22 17.05
C ASP C 22 6.87 1.14 16.02
N PRO C 23 5.62 0.66 16.04
CA PRO C 23 5.27 -0.45 15.16
C PRO C 23 5.54 -0.12 13.70
N ASP C 24 5.29 1.12 13.30
CA ASP C 24 5.41 1.52 11.90
C ASP C 24 6.86 1.49 11.41
N LEU C 25 7.80 1.93 12.25
CA LEU C 25 9.20 1.82 11.89
C LEU C 25 9.70 0.37 11.94
N ARG C 26 9.17 -0.40 12.90
CA ARG C 26 9.52 -1.81 13.01
C ARG C 26 9.11 -2.59 11.77
N GLN C 27 7.85 -2.40 11.35
CA GLN C 27 7.39 -3.02 10.10
C GLN C 27 8.32 -2.63 8.96
N MET C 28 8.53 -1.32 8.81
CA MET C 28 9.30 -0.79 7.70
C MET C 28 10.73 -1.30 7.65
N PHE C 29 11.42 -1.22 8.77
CA PHE C 29 12.85 -1.52 8.79
C PHE C 29 13.09 -3.01 9.11
N GLY C 30 12.14 -3.63 9.79
CA GLY C 30 12.24 -5.02 10.21
C GLY C 30 12.36 -5.98 9.05
N GLN C 31 11.86 -5.56 7.88
CA GLN C 31 11.99 -6.33 6.65
C GLN C 31 13.46 -6.66 6.40
N PHE C 32 14.36 -5.85 6.93
CA PHE C 32 15.77 -5.98 6.62
C PHE C 32 16.59 -6.74 7.65
N GLY C 33 15.95 -7.13 8.75
CA GLY C 33 16.65 -7.90 9.78
C GLY C 33 16.21 -7.55 11.19
N LYS C 34 16.87 -8.19 12.18
CA LYS C 34 16.48 -8.08 13.58
C LYS C 34 16.60 -6.66 14.11
N ILE C 35 15.51 -6.19 14.69
CA ILE C 35 15.47 -4.82 15.21
C ILE C 35 15.52 -4.88 16.73
N LEU C 36 16.54 -4.27 17.32
CA LEU C 36 16.68 -4.25 18.79
C LEU C 36 15.92 -3.14 19.50
N ASP C 37 15.72 -1.99 18.86
CA ASP C 37 15.00 -0.89 19.50
C ASP C 37 14.60 0.14 18.45
N VAL C 38 13.51 0.85 18.73
CA VAL C 38 13.09 1.94 17.87
C VAL C 38 12.77 3.11 18.79
N GLU C 39 12.98 4.32 18.28
CA GLU C 39 12.68 5.52 19.01
C GLU C 39 12.04 6.52 18.05
N ILE C 40 10.93 7.11 18.47
CA ILE C 40 10.33 8.23 17.74
C ILE C 40 10.41 9.43 18.67
N ILE C 41 10.71 10.60 18.12
CA ILE C 41 10.84 11.80 18.92
C ILE C 41 9.57 12.66 18.83
N PHE C 42 9.09 13.12 19.99
CA PHE C 42 7.89 13.94 20.10
C PHE C 42 8.17 15.21 20.90
N ASN C 43 7.31 16.20 20.73
CA ASN C 43 7.14 17.20 21.79
C ASN C 43 5.72 17.05 22.31
N GLU C 44 5.25 17.98 23.14
CA GLU C 44 3.90 17.85 23.68
C GLU C 44 2.84 17.96 22.59
N ARG C 45 3.18 18.58 21.47
CA ARG C 45 2.23 18.72 20.37
C ARG C 45 2.11 17.45 19.51
N GLY C 46 3.00 16.49 19.72
CA GLY C 46 2.99 15.25 18.94
C GLY C 46 4.33 14.95 18.31
N SER C 47 4.34 14.06 17.32
CA SER C 47 5.60 13.62 16.73
C SER C 47 6.35 14.74 16.08
N LYS C 48 7.67 14.66 16.15
CA LYS C 48 8.53 15.59 15.46
C LYS C 48 8.88 15.08 14.04
N GLY C 49 8.36 13.92 13.69
CA GLY C 49 8.58 13.40 12.35
C GLY C 49 9.96 12.82 12.11
N PHE C 50 10.63 12.39 13.17
CA PHE C 50 11.89 11.69 13.02
C PHE C 50 12.09 10.72 14.17
N GLY C 51 12.97 9.75 13.94
CA GLY C 51 13.25 8.71 14.91
C GLY C 51 14.52 7.96 14.58
N PHE C 52 14.75 6.90 15.36
CA PHE C 52 15.97 6.14 15.25
C PHE C 52 15.63 4.69 15.26
N VAL C 53 16.41 3.89 14.55
CA VAL C 53 16.20 2.46 14.51
C VAL C 53 17.53 1.78 14.79
N THR C 54 17.55 0.86 15.74
CA THR C 54 18.78 0.15 16.11
C THR C 54 18.71 -1.29 15.61
N PHE C 55 19.62 -1.64 14.72
CA PHE C 55 19.68 -2.98 14.16
C PHE C 55 20.71 -3.81 14.92
N GLU C 56 20.41 -5.09 15.14
CA GLU C 56 21.36 -6.00 15.77
C GLU C 56 22.62 -6.15 14.90
N ASN C 57 22.42 -6.46 13.63
CA ASN C 57 23.53 -6.62 12.69
C ASN C 57 23.70 -5.37 11.83
N SER C 58 24.91 -4.81 11.86
CA SER C 58 25.24 -3.65 11.04
C SER C 58 25.04 -3.88 9.54
N ALA C 59 25.01 -5.14 9.11
CA ALA C 59 24.76 -5.45 7.70
C ALA C 59 23.31 -5.18 7.33
N ASP C 60 22.41 -5.60 8.21
CA ASP C 60 20.99 -5.42 7.98
C ASP C 60 20.66 -3.93 7.92
N ALA C 61 21.37 -3.14 8.73
CA ALA C 61 21.16 -1.70 8.78
C ALA C 61 21.62 -1.04 7.49
N ASP C 62 22.64 -1.62 6.85
CA ASP C 62 23.19 -1.03 5.63
C ASP C 62 22.29 -1.31 4.43
N ARG C 63 21.76 -2.51 4.34
CA ARG C 63 20.81 -2.83 3.29
C ARG C 63 19.57 -1.97 3.47
N ALA C 64 19.12 -1.80 4.71
CA ALA C 64 17.92 -1.01 4.99
C ALA C 64 18.11 0.43 4.54
N ARG C 65 19.28 0.97 4.83
CA ARG C 65 19.58 2.33 4.46
C ARG C 65 19.62 2.53 2.95
N GLU C 66 20.37 1.69 2.24
CA GLU C 66 20.52 1.84 0.79
C GLU C 66 19.17 1.70 0.11
N LYS C 67 18.30 0.88 0.68
CA LYS C 67 17.00 0.64 0.07
C LYS C 67 15.91 1.65 0.46
N LEU C 68 16.04 2.27 1.62
CA LEU C 68 14.99 3.15 2.13
C LEU C 68 15.29 4.65 1.96
N HIS C 69 16.54 5.04 1.91
CA HIS C 69 16.87 6.45 1.85
C HIS C 69 16.35 7.05 0.56
N GLY C 70 15.60 8.14 0.67
CA GLY C 70 15.11 8.83 -0.52
C GLY C 70 13.85 8.26 -1.10
N THR C 71 13.27 7.25 -0.45
CA THR C 71 12.04 6.66 -0.95
C THR C 71 10.82 7.38 -0.39
N VAL C 72 9.67 7.20 -1.03
CA VAL C 72 8.47 7.91 -0.63
C VAL C 72 7.61 7.02 0.23
N VAL C 73 7.28 7.54 1.41
CA VAL C 73 6.50 6.82 2.38
C VAL C 73 5.26 7.63 2.74
N GLU C 74 4.11 7.12 2.33
N GLU C 74 4.14 7.14 2.28
CA GLU C 74 2.85 7.82 2.58
CA GLU C 74 2.92 7.78 2.57
C GLU C 74 3.00 9.28 2.22
C GLU C 74 3.04 9.28 2.22
N GLY C 75 3.58 9.52 1.06
CA GLY C 75 3.65 10.86 0.48
C GLY C 75 4.72 11.77 1.03
N ARG C 76 5.69 11.19 1.73
CA ARG C 76 6.82 11.94 2.26
C ARG C 76 8.10 11.28 1.82
N LYS C 77 9.06 12.08 1.36
CA LYS C 77 10.37 11.56 0.95
C LYS C 77 11.23 11.49 2.18
N ILE C 78 11.57 10.29 2.61
CA ILE C 78 12.29 10.15 3.87
C ILE C 78 13.80 10.21 3.68
N GLU C 79 14.49 10.54 4.76
N GLU C 79 14.49 10.51 4.76
CA GLU C 79 15.94 10.50 4.82
CA GLU C 79 15.89 10.50 4.75
C GLU C 79 16.34 9.45 5.85
C GLU C 79 16.42 9.54 5.87
N VAL C 80 17.33 8.63 5.51
CA VAL C 80 17.85 7.60 6.39
C VAL C 80 19.35 7.81 6.40
N ASN C 81 19.90 8.03 7.60
CA ASN C 81 21.30 8.39 7.76
C ASN C 81 21.92 7.68 8.98
N ASN C 82 23.23 7.84 9.16
CA ASN C 82 23.87 7.38 10.39
C ASN C 82 23.44 8.27 11.53
N ALA C 83 23.19 7.67 12.69
CA ALA C 83 22.78 8.43 13.87
C ALA C 83 24.01 9.07 14.51
N ASN D 4 -24.78 -4.17 4.31
CA ASN D 4 -25.05 -5.36 3.52
C ASN D 4 -24.33 -5.31 2.18
N LYS D 5 -24.63 -4.30 1.37
CA LYS D 5 -24.01 -4.15 0.05
C LYS D 5 -22.53 -3.78 0.15
N SER D 6 -22.08 -3.45 1.35
CA SER D 6 -20.66 -3.15 1.56
C SER D 6 -19.82 -4.41 1.64
N GLN D 7 -20.43 -5.55 1.92
CA GLN D 7 -19.70 -6.81 2.09
C GLN D 7 -19.08 -7.23 0.78
N PRO D 8 -17.99 -7.99 0.85
CA PRO D 8 -17.36 -8.44 -0.39
C PRO D 8 -18.21 -9.53 -1.04
N LYS D 9 -17.95 -9.81 -2.31
CA LYS D 9 -18.74 -10.81 -2.99
C LYS D 9 -17.91 -11.51 -4.05
N ARG D 10 -18.03 -12.83 -4.07
CA ARG D 10 -17.33 -13.66 -5.05
C ARG D 10 -18.27 -14.07 -6.17
N LEU D 11 -17.82 -13.85 -7.39
CA LEU D 11 -18.54 -14.30 -8.57
C LEU D 11 -17.88 -15.51 -9.20
N HIS D 12 -18.71 -16.41 -9.70
CA HIS D 12 -18.27 -17.55 -10.47
C HIS D 12 -18.40 -17.19 -11.94
N VAL D 13 -17.28 -17.26 -12.64
CA VAL D 13 -17.24 -16.86 -14.02
C VAL D 13 -16.90 -18.09 -14.83
N SER D 14 -17.77 -18.46 -15.76
CA SER D 14 -17.54 -19.66 -16.54
C SER D 14 -17.68 -19.46 -18.03
N ASN D 15 -17.21 -20.45 -18.77
CA ASN D 15 -17.10 -20.38 -20.21
C ASN D 15 -16.23 -19.22 -20.63
N ILE D 16 -15.15 -19.01 -19.89
CA ILE D 16 -14.18 -18.02 -20.29
C ILE D 16 -13.18 -18.69 -21.23
N PRO D 17 -12.53 -17.90 -22.09
CA PRO D 17 -11.56 -18.49 -23.02
C PRO D 17 -10.51 -19.28 -22.28
N PHE D 18 -10.08 -20.40 -22.85
CA PHE D 18 -9.10 -21.26 -22.20
C PHE D 18 -7.75 -20.59 -22.07
N ARG D 19 -7.51 -19.59 -22.91
CA ARG D 19 -6.26 -18.85 -22.85
C ARG D 19 -6.19 -17.88 -21.68
N PHE D 20 -7.33 -17.53 -21.09
CA PHE D 20 -7.33 -16.56 -19.99
C PHE D 20 -6.48 -16.98 -18.80
N ARG D 21 -5.75 -16.01 -18.27
CA ARG D 21 -5.04 -16.14 -17.00
C ARG D 21 -5.49 -15.05 -16.03
N ASP D 22 -4.95 -15.06 -14.82
CA ASP D 22 -5.40 -14.14 -13.79
C ASP D 22 -5.49 -12.68 -14.29
N PRO D 23 -4.46 -12.20 -15.01
CA PRO D 23 -4.47 -10.81 -15.48
C PRO D 23 -5.60 -10.53 -16.46
N ASP D 24 -6.05 -11.54 -17.18
CA ASP D 24 -7.12 -11.34 -18.15
C ASP D 24 -8.45 -11.11 -17.44
N LEU D 25 -8.67 -11.85 -16.36
CA LEU D 25 -9.87 -11.67 -15.54
C LEU D 25 -9.87 -10.34 -14.82
N ARG D 26 -8.71 -9.94 -14.30
CA ARG D 26 -8.59 -8.63 -13.65
C ARG D 26 -8.90 -7.51 -14.63
N GLN D 27 -8.33 -7.61 -15.82
CA GLN D 27 -8.60 -6.64 -16.86
C GLN D 27 -10.09 -6.57 -17.17
N MET D 28 -10.74 -7.72 -17.25
CA MET D 28 -12.15 -7.74 -17.65
C MET D 28 -13.03 -7.18 -16.55
N PHE D 29 -12.68 -7.46 -15.29
CA PHE D 29 -13.56 -7.14 -14.16
C PHE D 29 -13.14 -5.91 -13.39
N GLY D 30 -11.89 -5.49 -13.55
CA GLY D 30 -11.31 -4.41 -12.76
C GLY D 30 -11.99 -3.07 -12.95
N GLN D 31 -12.65 -2.88 -14.08
CA GLN D 31 -13.32 -1.62 -14.35
C GLN D 31 -14.54 -1.42 -13.45
N PHE D 32 -15.00 -2.47 -12.78
CA PHE D 32 -16.19 -2.33 -11.94
C PHE D 32 -15.92 -2.03 -10.47
N GLY D 33 -14.65 -2.06 -10.08
CA GLY D 33 -14.30 -1.74 -8.72
C GLY D 33 -13.15 -2.57 -8.23
N LYS D 34 -12.82 -2.38 -6.96
CA LYS D 34 -11.63 -3.02 -6.41
C LYS D 34 -11.83 -4.52 -6.28
N ILE D 35 -10.82 -5.26 -6.71
CA ILE D 35 -10.84 -6.72 -6.67
C ILE D 35 -9.90 -7.26 -5.58
N LEU D 36 -10.43 -8.11 -4.70
CA LEU D 36 -9.64 -8.74 -3.65
C LEU D 36 -8.90 -10.00 -4.08
N ASP D 37 -9.46 -10.74 -5.03
CA ASP D 37 -8.82 -11.96 -5.49
C ASP D 37 -9.39 -12.41 -6.83
N VAL D 38 -8.54 -13.06 -7.60
CA VAL D 38 -8.94 -13.66 -8.87
C VAL D 38 -8.37 -15.05 -8.88
N GLU D 39 -9.15 -16.01 -9.39
CA GLU D 39 -8.72 -17.38 -9.41
C GLU D 39 -9.22 -18.02 -10.71
N ILE D 40 -8.32 -18.66 -11.45
CA ILE D 40 -8.72 -19.49 -12.57
C ILE D 40 -8.38 -20.91 -12.18
N ILE D 41 -9.28 -21.82 -12.49
CA ILE D 41 -9.12 -23.22 -12.13
C ILE D 41 -8.52 -24.01 -13.30
N PHE D 42 -7.58 -24.89 -13.00
CA PHE D 42 -6.88 -25.69 -13.99
C PHE D 42 -6.86 -27.16 -13.56
N ASN D 43 -6.62 -28.04 -14.51
CA ASN D 43 -6.15 -29.38 -14.18
C ASN D 43 -4.94 -29.67 -15.05
N GLU D 44 -4.56 -30.93 -15.22
CA GLU D 44 -3.32 -31.26 -15.93
C GLU D 44 -3.41 -30.96 -17.42
N ARG D 45 -4.63 -30.80 -17.92
CA ARG D 45 -4.87 -30.45 -19.32
C ARG D 45 -4.98 -28.94 -19.50
N GLY D 46 -4.65 -28.18 -18.45
CA GLY D 46 -4.67 -26.74 -18.51
C GLY D 46 -5.92 -26.13 -17.90
N SER D 47 -6.26 -24.93 -18.37
CA SER D 47 -7.40 -24.21 -17.84
C SER D 47 -8.66 -25.03 -18.00
N LYS D 48 -9.53 -24.96 -17.00
CA LYS D 48 -10.84 -25.57 -17.08
C LYS D 48 -11.90 -24.57 -17.60
N GLY D 49 -11.48 -23.36 -17.93
CA GLY D 49 -12.38 -22.40 -18.54
C GLY D 49 -13.38 -21.79 -17.58
N PHE D 50 -13.03 -21.77 -16.30
CA PHE D 50 -13.83 -21.01 -15.34
C PHE D 50 -12.92 -20.54 -14.24
N GLY D 51 -13.41 -19.55 -13.49
CA GLY D 51 -12.68 -19.05 -12.34
C GLY D 51 -13.58 -18.25 -11.44
N PHE D 52 -12.97 -17.54 -10.52
CA PHE D 52 -13.70 -16.74 -9.55
C PHE D 52 -13.08 -15.37 -9.43
N VAL D 53 -13.93 -14.36 -9.27
CA VAL D 53 -13.49 -13.00 -9.06
C VAL D 53 -14.18 -12.50 -7.80
N THR D 54 -13.40 -12.03 -6.86
CA THR D 54 -13.95 -11.54 -5.60
C THR D 54 -13.77 -10.05 -5.53
N PHE D 55 -14.89 -9.34 -5.45
CA PHE D 55 -14.91 -7.88 -5.29
C PHE D 55 -14.93 -7.46 -3.84
N GLU D 56 -14.31 -6.31 -3.57
CA GLU D 56 -14.32 -5.69 -2.24
C GLU D 56 -15.73 -5.37 -1.77
N ASN D 57 -16.60 -4.91 -2.66
CA ASN D 57 -17.99 -4.75 -2.29
C ASN D 57 -19.00 -5.32 -3.28
N SER D 58 -20.16 -5.65 -2.74
CA SER D 58 -21.20 -6.34 -3.46
C SER D 58 -21.84 -5.52 -4.57
N ALA D 59 -21.93 -4.20 -4.36
CA ALA D 59 -22.54 -3.32 -5.35
C ALA D 59 -21.75 -3.37 -6.67
N ASP D 60 -20.42 -3.35 -6.56
CA ASP D 60 -19.55 -3.47 -7.73
C ASP D 60 -19.71 -4.84 -8.40
N ALA D 61 -19.71 -5.91 -7.60
CA ALA D 61 -19.89 -7.25 -8.14
C ALA D 61 -21.22 -7.34 -8.89
N ASP D 62 -22.26 -6.73 -8.32
CA ASP D 62 -23.58 -6.76 -8.97
C ASP D 62 -23.54 -6.06 -10.32
N ARG D 63 -22.82 -4.95 -10.41
CA ARG D 63 -22.74 -4.21 -11.66
C ARG D 63 -21.95 -5.00 -12.71
N ALA D 64 -20.89 -5.66 -12.26
CA ALA D 64 -20.08 -6.46 -13.15
C ALA D 64 -20.89 -7.63 -13.67
N ARG D 65 -21.65 -8.25 -12.78
CA ARG D 65 -22.45 -9.39 -13.18
C ARG D 65 -23.48 -8.93 -14.21
N GLU D 66 -24.14 -7.81 -13.93
CA GLU D 66 -25.16 -7.29 -14.84
C GLU D 66 -24.60 -6.99 -16.24
N LYS D 67 -23.41 -6.41 -16.32
CA LYS D 67 -22.82 -6.08 -17.61
C LYS D 67 -22.27 -7.28 -18.38
N LEU D 68 -21.69 -8.25 -17.66
CA LEU D 68 -20.94 -9.31 -18.30
C LEU D 68 -21.62 -10.69 -18.42
N HIS D 69 -22.65 -10.96 -17.61
CA HIS D 69 -23.29 -12.27 -17.69
C HIS D 69 -23.99 -12.36 -19.03
N GLY D 70 -23.71 -13.43 -19.75
CA GLY D 70 -24.29 -13.66 -21.07
C GLY D 70 -23.59 -12.88 -22.17
N THR D 71 -22.48 -12.25 -21.86
CA THR D 71 -21.78 -11.46 -22.87
C THR D 71 -20.80 -12.34 -23.63
N VAL D 72 -20.76 -12.15 -24.96
CA VAL D 72 -19.87 -12.92 -25.81
C VAL D 72 -18.49 -12.28 -25.85
N VAL D 73 -17.52 -13.03 -25.36
CA VAL D 73 -16.10 -12.68 -25.36
C VAL D 73 -15.33 -13.76 -26.13
N GLU D 74 -14.71 -13.39 -27.24
CA GLU D 74 -13.93 -14.34 -28.05
C GLU D 74 -14.69 -15.63 -28.39
N GLY D 75 -15.92 -15.47 -28.86
CA GLY D 75 -16.70 -16.58 -29.33
C GLY D 75 -17.42 -17.35 -28.24
N ARG D 76 -17.25 -16.92 -26.99
CA ARG D 76 -17.86 -17.61 -25.85
C ARG D 76 -18.81 -16.70 -25.08
N LYS D 77 -20.05 -17.17 -24.92
CA LYS D 77 -21.01 -16.49 -24.07
C LYS D 77 -20.63 -16.80 -22.61
N ILE D 78 -20.04 -15.84 -21.94
CA ILE D 78 -19.58 -16.10 -20.59
C ILE D 78 -20.76 -16.09 -19.62
N GLU D 79 -20.61 -16.81 -18.51
CA GLU D 79 -21.65 -16.81 -17.50
C GLU D 79 -21.05 -16.29 -16.20
N VAL D 80 -21.72 -15.32 -15.56
CA VAL D 80 -21.26 -14.77 -14.32
C VAL D 80 -22.40 -14.88 -13.32
N ASN D 81 -22.13 -15.56 -12.21
CA ASN D 81 -23.13 -15.79 -11.18
C ASN D 81 -22.49 -15.67 -9.81
N ASN D 82 -23.29 -15.37 -8.80
CA ASN D 82 -22.80 -15.42 -7.44
C ASN D 82 -22.31 -16.84 -7.14
N ALA D 83 -21.12 -16.94 -6.56
CA ALA D 83 -20.48 -18.23 -6.37
C ALA D 83 -21.15 -18.96 -5.22
N THR D 84 -21.05 -20.29 -5.24
CA THR D 84 -21.55 -21.14 -4.16
C THR D 84 -20.57 -22.30 -3.95
N ALA D 85 -20.66 -22.93 -2.79
CA ALA D 85 -19.78 -24.07 -2.47
C ALA D 85 -18.33 -23.78 -2.83
N LYS E 5 -22.43 -19.69 2.91
CA LYS E 5 -21.33 -19.76 3.86
C LYS E 5 -19.98 -19.79 3.16
N SER E 6 -19.99 -19.94 1.83
CA SER E 6 -18.75 -19.95 1.06
C SER E 6 -18.34 -18.54 0.62
N GLN E 7 -19.29 -17.60 0.63
CA GLN E 7 -18.98 -16.22 0.26
C GLN E 7 -18.00 -15.62 1.27
N PRO E 8 -17.15 -14.67 0.85
CA PRO E 8 -16.26 -14.03 1.81
C PRO E 8 -17.05 -13.19 2.81
N LYS E 9 -16.40 -12.76 3.89
CA LYS E 9 -17.10 -11.96 4.87
C LYS E 9 -16.14 -11.01 5.55
N ARG E 10 -16.57 -9.76 5.72
CA ARG E 10 -15.74 -8.75 6.40
C ARG E 10 -16.24 -8.51 7.83
N LEU E 11 -15.29 -8.55 8.77
CA LEU E 11 -15.57 -8.27 10.18
C LEU E 11 -15.00 -6.92 10.55
N HIS E 12 -15.71 -6.23 11.44
CA HIS E 12 -15.26 -4.98 12.03
C HIS E 12 -14.76 -5.30 13.43
N VAL E 13 -13.50 -4.98 13.70
CA VAL E 13 -12.88 -5.31 14.97
C VAL E 13 -12.54 -4.00 15.68
N SER E 14 -13.10 -3.77 16.85
CA SER E 14 -12.88 -2.48 17.52
C SER E 14 -12.31 -2.61 18.92
N ASN E 15 -11.89 -1.47 19.46
CA ASN E 15 -11.17 -1.39 20.73
C ASN E 15 -9.90 -2.23 20.75
N ILE E 16 -9.18 -2.28 19.63
CA ILE E 16 -7.91 -2.98 19.58
C ILE E 16 -6.77 -2.04 19.99
N PRO E 17 -5.68 -2.60 20.50
CA PRO E 17 -4.56 -1.74 20.92
C PRO E 17 -4.19 -0.76 19.82
N PHE E 18 -3.81 0.44 20.21
CA PHE E 18 -3.45 1.44 19.20
C PHE E 18 -2.14 1.01 18.54
N ARG E 19 -1.42 0.09 19.17
CA ARG E 19 -0.16 -0.39 18.62
C ARG E 19 -0.34 -1.48 17.55
N PHE E 20 -1.53 -2.05 17.44
CA PHE E 20 -1.77 -3.10 16.46
C PHE E 20 -1.57 -2.61 15.02
N ARG E 21 -0.95 -3.47 14.22
CA ARG E 21 -0.86 -3.26 12.79
C ARG E 21 -1.31 -4.52 12.06
N ASP E 22 -1.30 -4.48 10.73
CA ASP E 22 -1.73 -5.61 9.89
C ASP E 22 -1.32 -6.99 10.42
N PRO E 23 -0.02 -7.20 10.65
CA PRO E 23 0.44 -8.52 11.09
C PRO E 23 -0.27 -9.01 12.35
N ASP E 24 -0.59 -8.11 13.26
CA ASP E 24 -1.22 -8.46 14.52
C ASP E 24 -2.65 -8.99 14.33
N LEU E 25 -3.41 -8.34 13.45
CA LEU E 25 -4.75 -8.84 13.15
C LEU E 25 -4.68 -10.10 12.32
N ARG E 26 -3.74 -10.16 11.39
CA ARG E 26 -3.62 -11.32 10.53
C ARG E 26 -3.30 -12.55 11.36
N GLN E 27 -2.44 -12.39 12.36
CA GLN E 27 -2.06 -13.50 13.21
C GLN E 27 -3.20 -13.93 14.14
N MET E 28 -3.92 -12.97 14.68
CA MET E 28 -5.00 -13.26 15.62
C MET E 28 -6.18 -13.92 14.92
N PHE E 29 -6.58 -13.36 13.79
CA PHE E 29 -7.75 -13.86 13.07
C PHE E 29 -7.39 -14.97 12.09
N GLY E 30 -6.13 -14.99 11.65
CA GLY E 30 -5.63 -15.99 10.72
C GLY E 30 -5.68 -17.41 11.25
N GLN E 31 -5.79 -17.56 12.56
CA GLN E 31 -5.88 -18.88 13.14
C GLN E 31 -7.24 -19.54 12.81
N PHE E 32 -8.20 -18.75 12.34
CA PHE E 32 -9.53 -19.28 12.05
C PHE E 32 -9.78 -19.60 10.57
N GLY E 33 -8.85 -19.23 9.70
CA GLY E 33 -8.96 -19.54 8.29
C GLY E 33 -8.28 -18.52 7.41
N LYS E 34 -8.43 -18.68 6.10
CA LYS E 34 -7.74 -17.89 5.13
C LYS E 34 -8.28 -16.46 5.14
N ILE E 35 -7.36 -15.50 5.18
CA ILE E 35 -7.69 -14.10 5.22
C ILE E 35 -7.41 -13.47 3.86
N LEU E 36 -8.40 -12.79 3.30
CA LEU E 36 -8.24 -12.07 2.04
C LEU E 36 -7.58 -10.70 2.21
N ASP E 37 -7.87 -10.01 3.31
CA ASP E 37 -7.40 -8.67 3.53
C ASP E 37 -7.53 -8.29 5.01
N VAL E 38 -6.64 -7.43 5.47
CA VAL E 38 -6.73 -6.83 6.81
C VAL E 38 -6.49 -5.34 6.63
N GLU E 39 -7.19 -4.54 7.41
CA GLU E 39 -7.03 -3.12 7.28
C GLU E 39 -7.21 -2.47 8.65
N ILE E 40 -6.19 -1.76 9.13
CA ILE E 40 -6.31 -0.93 10.33
C ILE E 40 -6.54 0.50 9.86
N ILE E 41 -7.38 1.24 10.57
CA ILE E 41 -7.75 2.59 10.16
C ILE E 41 -7.02 3.60 11.03
N PHE E 42 -6.45 4.60 10.35
CA PHE E 42 -5.68 5.67 10.99
C PHE E 42 -6.25 7.01 10.57
N ASN E 43 -6.00 8.05 11.36
CA ASN E 43 -6.00 9.39 10.82
C ASN E 43 -4.56 9.88 10.83
N GLU E 44 -4.35 11.15 10.52
CA GLU E 44 -2.98 11.67 10.48
C GLU E 44 -2.33 11.69 11.86
N ARG E 45 -3.10 11.48 12.89
N ARG E 45 -3.07 11.44 12.88
CA ARG E 45 -2.54 11.54 14.23
CA ARG E 45 -2.54 11.52 14.21
C ARG E 45 -2.19 10.15 14.76
C ARG E 45 -2.23 10.14 14.79
N GLY E 46 -2.75 9.11 14.16
CA GLY E 46 -2.42 7.76 14.59
C GLY E 46 -3.55 6.78 14.38
N SER E 47 -3.36 5.58 14.90
CA SER E 47 -4.39 4.56 14.75
C SER E 47 -5.67 5.02 15.41
N LYS E 48 -6.80 4.69 14.80
CA LYS E 48 -8.10 4.94 15.42
C LYS E 48 -8.58 3.78 16.31
N GLY E 49 -7.80 2.73 16.42
CA GLY E 49 -8.12 1.64 17.33
C GLY E 49 -9.22 0.71 16.82
N PHE E 50 -9.36 0.63 15.51
CA PHE E 50 -10.28 -0.33 14.89
C PHE E 50 -9.80 -0.68 13.48
N GLY E 51 -10.34 -1.76 12.94
CA GLY E 51 -9.93 -2.22 11.64
C GLY E 51 -10.92 -3.23 11.12
N PHE E 52 -10.55 -3.86 10.00
CA PHE E 52 -11.45 -4.78 9.36
C PHE E 52 -10.63 -5.99 8.93
N VAL E 53 -11.24 -7.16 9.01
CA VAL E 53 -10.59 -8.38 8.59
C VAL E 53 -11.56 -9.10 7.68
N THR E 54 -11.08 -9.44 6.49
CA THR E 54 -11.93 -10.09 5.50
C THR E 54 -11.49 -11.52 5.30
N PHE E 55 -12.38 -12.46 5.60
CA PHE E 55 -12.09 -13.87 5.45
C PHE E 55 -12.52 -14.36 4.06
N GLU E 56 -11.82 -15.39 3.56
CA GLU E 56 -12.21 -16.02 2.30
C GLU E 56 -13.59 -16.65 2.37
N ASN E 57 -13.96 -17.16 3.53
CA ASN E 57 -15.32 -17.68 3.68
C ASN E 57 -15.99 -17.32 5.00
N SER E 58 -17.32 -17.23 4.91
CA SER E 58 -18.15 -16.76 5.98
C SER E 58 -18.11 -17.63 7.22
N ALA E 59 -17.95 -18.93 7.01
CA ALA E 59 -17.97 -19.87 8.12
C ALA E 59 -16.81 -19.56 9.06
N ASP E 60 -15.64 -19.31 8.47
CA ASP E 60 -14.45 -18.99 9.24
C ASP E 60 -14.59 -17.63 9.92
N ALA E 61 -15.21 -16.68 9.21
CA ALA E 61 -15.50 -15.37 9.81
C ALA E 61 -16.47 -15.50 10.99
N ASP E 62 -17.47 -16.35 10.86
CA ASP E 62 -18.42 -16.56 11.95
C ASP E 62 -17.73 -17.18 13.18
N ARG E 63 -16.82 -18.11 12.93
CA ARG E 63 -16.07 -18.77 14.00
C ARG E 63 -15.18 -17.78 14.75
N ALA E 64 -14.48 -16.93 14.00
CA ALA E 64 -13.63 -15.92 14.58
C ALA E 64 -14.42 -14.97 15.44
N ARG E 65 -15.60 -14.56 14.97
CA ARG E 65 -16.42 -13.66 15.74
C ARG E 65 -16.87 -14.33 17.04
N GLU E 66 -17.25 -15.59 16.92
CA GLU E 66 -17.72 -16.37 18.07
C GLU E 66 -16.66 -16.47 19.17
N LYS E 67 -15.42 -16.72 18.77
CA LYS E 67 -14.37 -17.01 19.73
C LYS E 67 -13.67 -15.77 20.23
N LEU E 68 -13.64 -14.73 19.40
CA LEU E 68 -12.89 -13.53 19.73
C LEU E 68 -13.70 -12.35 20.27
N HIS E 69 -15.00 -12.28 19.99
CA HIS E 69 -15.79 -11.15 20.45
C HIS E 69 -15.83 -11.12 21.98
N GLY E 70 -15.48 -9.96 22.54
CA GLY E 70 -15.51 -9.77 23.98
C GLY E 70 -14.34 -10.35 24.74
N THR E 71 -13.29 -10.76 24.03
CA THR E 71 -12.12 -11.31 24.70
C THR E 71 -11.13 -10.20 24.97
N VAL E 72 -10.13 -10.48 25.81
CA VAL E 72 -9.19 -9.47 26.26
C VAL E 72 -7.88 -9.52 25.49
N VAL E 73 -7.51 -8.38 24.94
CA VAL E 73 -6.32 -8.23 24.12
C VAL E 73 -5.56 -7.06 24.66
N GLU E 74 -4.40 -7.34 25.23
CA GLU E 74 -3.56 -6.32 25.84
C GLU E 74 -4.36 -5.35 26.72
N GLY E 75 -5.20 -5.91 27.57
CA GLY E 75 -5.90 -5.12 28.56
C GLY E 75 -7.17 -4.49 28.04
N ARG E 76 -7.53 -4.79 26.79
CA ARG E 76 -8.71 -4.20 26.20
C ARG E 76 -9.68 -5.29 25.82
N LYS E 77 -10.94 -5.07 26.10
CA LYS E 77 -11.97 -5.98 25.68
C LYS E 77 -12.34 -5.65 24.25
N ILE E 78 -12.07 -6.55 23.33
CA ILE E 78 -12.29 -6.22 21.92
C ILE E 78 -13.72 -6.58 21.48
N GLU E 79 -14.16 -5.92 20.44
CA GLU E 79 -15.48 -6.18 19.89
C GLU E 79 -15.29 -6.65 18.46
N VAL E 80 -16.01 -7.68 18.07
CA VAL E 80 -15.94 -8.21 16.72
C VAL E 80 -17.36 -8.36 16.22
N ASN E 81 -17.67 -7.66 15.13
CA ASN E 81 -19.01 -7.62 14.58
C ASN E 81 -18.94 -7.73 13.05
N ASN E 82 -20.01 -8.19 12.43
CA ASN E 82 -20.07 -8.11 10.97
C ASN E 82 -19.97 -6.64 10.53
N ALA E 83 -19.14 -6.37 9.54
CA ALA E 83 -18.89 -5.01 9.12
C ALA E 83 -20.11 -4.44 8.39
N THR E 84 -20.46 -3.20 8.72
CA THR E 84 -21.54 -2.51 8.03
C THR E 84 -21.00 -1.35 7.21
N SER F 6 26.95 -3.69 -6.97
CA SER F 6 25.98 -4.78 -6.98
C SER F 6 26.46 -5.92 -7.88
N GLN F 7 26.72 -7.08 -7.27
CA GLN F 7 27.13 -8.26 -8.02
C GLN F 7 26.29 -9.48 -7.61
N PRO F 8 26.13 -10.44 -8.52
CA PRO F 8 25.14 -11.51 -8.40
C PRO F 8 25.64 -12.68 -7.56
N LYS F 9 24.75 -13.30 -6.78
CA LYS F 9 25.12 -14.49 -6.05
C LYS F 9 24.00 -15.52 -6.03
N ARG F 10 24.38 -16.75 -6.31
CA ARG F 10 23.43 -17.84 -6.41
C ARG F 10 23.57 -18.78 -5.23
N LEU F 11 22.43 -19.11 -4.62
CA LEU F 11 22.40 -20.06 -3.52
C LEU F 11 21.77 -21.38 -3.95
N HIS F 12 22.35 -22.48 -3.46
CA HIS F 12 21.79 -23.82 -3.58
C HIS F 12 20.98 -24.15 -2.33
N VAL F 13 19.70 -24.46 -2.50
CA VAL F 13 18.81 -24.75 -1.39
C VAL F 13 18.34 -26.21 -1.50
N SER F 14 18.51 -26.97 -0.41
CA SER F 14 18.31 -28.40 -0.41
C SER F 14 17.32 -28.84 0.68
N ASN F 15 16.70 -29.99 0.48
CA ASN F 15 15.70 -30.53 1.38
C ASN F 15 14.44 -29.68 1.46
N ILE F 16 14.08 -29.01 0.36
CA ILE F 16 12.85 -28.22 0.35
C ILE F 16 11.65 -29.10 0.12
N PRO F 17 10.46 -28.63 0.53
CA PRO F 17 9.22 -29.39 0.30
C PRO F 17 9.04 -29.75 -1.17
N PHE F 18 8.57 -30.97 -1.43
CA PHE F 18 8.39 -31.41 -2.80
C PHE F 18 7.27 -30.66 -3.50
N ARG F 19 6.41 -29.97 -2.75
CA ARG F 19 5.36 -29.17 -3.38
C ARG F 19 5.91 -27.84 -3.91
N PHE F 20 7.07 -27.40 -3.42
CA PHE F 20 7.60 -26.08 -3.77
C PHE F 20 7.81 -25.89 -5.26
N ARG F 21 7.33 -24.75 -5.75
CA ARG F 21 7.60 -24.32 -7.11
C ARG F 21 8.20 -22.92 -7.05
N ASP F 22 8.45 -22.34 -8.22
CA ASP F 22 9.04 -21.00 -8.31
C ASP F 22 8.44 -20.02 -7.30
N PRO F 23 7.12 -19.84 -7.32
CA PRO F 23 6.52 -18.85 -6.42
C PRO F 23 6.89 -19.05 -4.95
N ASP F 24 6.96 -20.31 -4.53
CA ASP F 24 7.23 -20.63 -3.13
C ASP F 24 8.66 -20.29 -2.72
N LEU F 25 9.61 -20.52 -3.61
CA LEU F 25 10.98 -20.16 -3.31
C LEU F 25 11.15 -18.64 -3.28
N ARG F 26 10.47 -17.96 -4.20
CA ARG F 26 10.54 -16.51 -4.27
C ARG F 26 9.98 -15.90 -3.01
N GLN F 27 8.87 -16.44 -2.55
CA GLN F 27 8.22 -15.95 -1.33
C GLN F 27 9.17 -16.10 -0.17
N MET F 28 9.85 -17.24 -0.10
CA MET F 28 10.75 -17.53 1.02
C MET F 28 12.00 -16.69 1.01
N PHE F 29 12.58 -16.48 -0.15
CA PHE F 29 13.88 -15.83 -0.24
C PHE F 29 13.76 -14.34 -0.56
N GLY F 30 12.59 -13.93 -1.04
CA GLY F 30 12.38 -12.57 -1.53
C GLY F 30 12.41 -11.54 -0.42
N GLN F 31 12.10 -11.99 0.79
CA GLN F 31 12.16 -11.13 1.98
C GLN F 31 13.55 -10.52 2.17
N PHE F 32 14.58 -11.15 1.59
CA PHE F 32 15.94 -10.67 1.82
C PHE F 32 16.43 -9.72 0.73
N GLY F 33 15.67 -9.59 -0.34
CA GLY F 33 16.01 -8.65 -1.38
C GLY F 33 15.69 -9.14 -2.77
N LYS F 34 16.10 -8.36 -3.77
CA LYS F 34 15.73 -8.61 -5.15
C LYS F 34 16.32 -9.91 -5.69
N ILE F 35 15.44 -10.73 -6.22
CA ILE F 35 15.83 -12.03 -6.75
C ILE F 35 15.81 -11.98 -8.28
N LEU F 36 16.90 -12.37 -8.93
CA LEU F 36 16.95 -12.35 -10.40
C LEU F 36 16.39 -13.61 -11.06
N ASP F 37 16.52 -14.77 -10.40
CA ASP F 37 16.09 -16.03 -11.00
C ASP F 37 15.95 -17.08 -9.91
N VAL F 38 14.98 -17.96 -10.10
CA VAL F 38 14.84 -19.11 -9.21
C VAL F 38 14.78 -20.36 -10.09
N GLU F 39 15.27 -21.48 -9.57
CA GLU F 39 15.28 -22.71 -10.32
C GLU F 39 15.01 -23.87 -9.36
N ILE F 40 14.05 -24.71 -9.71
CA ILE F 40 13.80 -25.94 -8.95
C ILE F 40 14.11 -27.09 -9.89
N ILE F 41 14.74 -28.13 -9.35
CA ILE F 41 15.15 -29.25 -10.18
C ILE F 41 14.15 -30.39 -10.06
N PHE F 42 13.78 -30.96 -11.22
CA PHE F 42 12.80 -32.02 -11.32
C PHE F 42 13.35 -33.19 -12.14
N ASN F 43 12.78 -34.37 -11.95
CA ASN F 43 12.85 -35.39 -13.00
C ASN F 43 11.41 -35.63 -13.46
N GLU F 44 11.15 -36.65 -14.27
CA GLU F 44 9.79 -36.85 -14.78
C GLU F 44 8.83 -37.29 -13.68
N ARG F 45 9.37 -37.74 -12.56
CA ARG F 45 8.55 -38.21 -11.46
C ARG F 45 8.04 -37.06 -10.59
N GLY F 46 8.78 -35.97 -10.56
CA GLY F 46 8.40 -34.80 -9.77
C GLY F 46 9.61 -33.99 -9.33
N SER F 47 9.41 -33.04 -8.43
CA SER F 47 10.52 -32.28 -7.88
C SER F 47 11.55 -33.21 -7.27
N LYS F 48 12.80 -32.78 -7.29
CA LYS F 48 13.85 -33.52 -6.61
C LYS F 48 14.14 -32.89 -5.26
N GLY F 49 13.39 -31.86 -4.89
CA GLY F 49 13.51 -31.28 -3.57
C GLY F 49 14.73 -30.43 -3.36
N PHE F 50 15.23 -29.83 -4.44
CA PHE F 50 16.27 -28.83 -4.28
C PHE F 50 16.20 -27.84 -5.42
N GLY F 51 16.84 -26.70 -5.23
CA GLY F 51 16.81 -25.64 -6.21
C GLY F 51 17.90 -24.62 -6.00
N PHE F 52 17.76 -23.53 -6.74
CA PHE F 52 18.74 -22.46 -6.74
C PHE F 52 18.04 -21.13 -6.76
N VAL F 53 18.63 -20.17 -6.07
CA VAL F 53 18.09 -18.82 -6.00
C VAL F 53 19.23 -17.85 -6.30
N THR F 54 19.01 -16.95 -7.25
CA THR F 54 20.05 -16.02 -7.64
C THR F 54 19.66 -14.64 -7.20
N PHE F 55 20.49 -14.05 -6.34
CA PHE F 55 20.25 -12.67 -5.87
C PHE F 55 21.06 -11.68 -6.72
N GLU F 56 20.50 -10.50 -6.98
CA GLU F 56 21.26 -9.49 -7.71
C GLU F 56 22.32 -8.89 -6.82
N ASN F 57 22.02 -8.80 -5.53
CA ASN F 57 22.98 -8.30 -4.56
C ASN F 57 23.47 -9.41 -3.63
N SER F 58 24.78 -9.62 -3.64
CA SER F 58 25.41 -10.69 -2.87
C SER F 58 25.15 -10.58 -1.36
N ALA F 59 25.06 -9.35 -0.86
CA ALA F 59 24.86 -9.13 0.57
C ALA F 59 23.49 -9.64 1.01
N ASP F 60 22.51 -9.54 0.11
CA ASP F 60 21.19 -10.07 0.37
C ASP F 60 21.25 -11.59 0.39
N ALA F 61 22.11 -12.18 -0.46
CA ALA F 61 22.24 -13.63 -0.51
C ALA F 61 22.90 -14.17 0.76
N ASP F 62 23.85 -13.42 1.30
CA ASP F 62 24.56 -13.84 2.51
C ASP F 62 23.63 -13.75 3.71
N ARG F 63 22.79 -12.72 3.72
CA ARG F 63 21.81 -12.52 4.77
C ARG F 63 20.79 -13.63 4.74
N ALA F 64 20.34 -13.99 3.54
CA ALA F 64 19.37 -15.06 3.38
C ALA F 64 19.98 -16.39 3.82
N ARG F 65 21.22 -16.65 3.43
CA ARG F 65 21.87 -17.89 3.82
C ARG F 65 22.01 -17.98 5.33
N GLU F 66 22.39 -16.86 5.94
CA GLU F 66 22.61 -16.82 7.39
C GLU F 66 21.34 -17.10 8.16
N LYS F 67 20.23 -16.56 7.68
CA LYS F 67 18.95 -16.66 8.35
C LYS F 67 18.18 -17.97 8.06
N LEU F 68 18.31 -18.50 6.85
CA LEU F 68 17.51 -19.67 6.47
C LEU F 68 18.18 -21.03 6.66
N HIS F 69 19.51 -21.08 6.61
CA HIS F 69 20.19 -22.35 6.64
C HIS F 69 19.90 -23.04 7.96
N GLY F 70 19.55 -24.31 7.92
CA GLY F 70 19.23 -25.04 9.13
C GLY F 70 17.87 -24.72 9.74
N THR F 71 17.04 -23.96 9.06
CA THR F 71 15.70 -23.70 9.58
C THR F 71 14.75 -24.78 9.14
N VAL F 72 13.63 -24.89 9.85
CA VAL F 72 12.61 -25.86 9.55
C VAL F 72 11.44 -25.22 8.81
N VAL F 73 11.22 -25.71 7.59
CA VAL F 73 10.15 -25.23 6.73
C VAL F 73 9.25 -26.40 6.44
N GLU F 74 7.98 -26.28 6.84
CA GLU F 74 7.01 -27.33 6.62
C GLU F 74 7.60 -28.72 6.91
N GLY F 75 8.21 -28.85 8.09
CA GLY F 75 8.66 -30.14 8.56
C GLY F 75 9.91 -30.69 7.89
N ARG F 76 10.68 -29.82 7.25
CA ARG F 76 11.94 -30.20 6.66
C ARG F 76 13.04 -29.25 7.10
N LYS F 77 14.19 -29.78 7.50
CA LYS F 77 15.33 -28.93 7.86
C LYS F 77 16.09 -28.59 6.60
N ILE F 78 16.03 -27.34 6.17
CA ILE F 78 16.60 -27.02 4.87
C ILE F 78 18.07 -26.65 4.96
N GLU F 79 18.77 -26.85 3.85
CA GLU F 79 20.17 -26.49 3.75
C GLU F 79 20.26 -25.39 2.71
N VAL F 80 21.09 -24.39 3.00
CA VAL F 80 21.30 -23.27 2.09
C VAL F 80 22.80 -23.05 2.00
N ASN F 81 23.35 -23.22 0.81
CA ASN F 81 24.78 -23.14 0.58
C ASN F 81 25.08 -22.30 -0.65
N ASN F 82 26.35 -21.93 -0.83
CA ASN F 82 26.81 -21.35 -2.08
C ASN F 82 26.68 -22.37 -3.20
N ALA F 83 26.19 -21.93 -4.36
CA ALA F 83 26.07 -22.82 -5.50
C ALA F 83 27.37 -22.82 -6.29
N THR F 84 27.74 -23.98 -6.82
CA THR F 84 28.98 -24.12 -7.57
C THR F 84 29.02 -23.15 -8.75
#